data_5KR8
#
_entry.id   5KR8
#
_cell.length_a   102.059
_cell.length_b   102.059
_cell.length_c   170.843
_cell.angle_alpha   90.00
_cell.angle_beta   90.00
_cell.angle_gamma   120.00
#
_symmetry.space_group_name_H-M   'P 61 2 2'
#
loop_
_entity.id
_entity.type
_entity.pdbx_description
1 polymer 'Beta-secretase 1'
2 non-polymer 'IODIDE ION'
3 non-polymer (4~{S},6~{S})-4-[2,4-bis(fluoranyl)phenyl]-6-(3,5-dimethyl-1,2-oxazol-4-yl)-4-methyl-5,6-dihydro-1,3-thiazin-2-amine
4 water water
#
_entity_poly.entity_id   1
_entity_poly.type   'polypeptide(L)'
_entity_poly.pdbx_seq_one_letter_code
;MASMTGGQQMGRGSAGVLPAHGTQHGIRLPLRSGLGGAPLGLRLPRETDEEPEEPGRRGSFVEMVDNLRGKSGQGYYVEM
TVGSPPQTLNILVDTGSSNFAVGAAPHPFLHRYYQRQLSSTYRDLRKGVYVPYTQGKWEGELGTDLVSIPHGPNVTVRAN
IAAITESDKFFINGSNWEGILGLAYAEIARPDDSLEPFFDSLVKQTHVPNLFSLQLCGAGFPLNQSEVLASVGGSMIIGG
IDHSLYTGSLWYTPIRREWYYEVIIVRVEINGQDLKMDCKEYNYDKSIVDSGTTNLRLPKKVFEAAVKSIKAASSTEKFP
DGFWLGEQLVCWQAGTTPWNIFPVISLYLMGEVTNQSFRITILPQQYLRPVEDVATSQDDCYKFAISQSSTGTVMGAVIM
EGFYVVFDRARKRIGFAVSACHVHDEFRTAAVEGPFVTLDMEDCGYNIPQTDEST
;
_entity_poly.pdbx_strand_id   A
#
loop_
_chem_comp.id
_chem_comp.type
_chem_comp.name
_chem_comp.formula
6WE non-polymer (4~{S},6~{S})-4-[2,4-bis(fluoranyl)phenyl]-6-(3,5-dimethyl-1,2-oxazol-4-yl)-4-methyl-5,6-dihydro-1,3-thiazin-2-amine 'C16 H17 F2 N3 O S'
IOD non-polymer 'IODIDE ION' 'I -1'
#
# COMPACT_ATOMS: atom_id res chain seq x y z
N PHE A 61 -3.05 8.14 -20.47
CA PHE A 61 -2.80 8.47 -19.04
C PHE A 61 -1.38 9.03 -18.83
N VAL A 62 -0.82 9.59 -19.91
CA VAL A 62 0.55 10.12 -19.91
C VAL A 62 0.77 11.24 -18.90
N GLU A 63 -0.27 12.05 -18.68
CA GLU A 63 -0.23 13.15 -17.72
C GLU A 63 -0.17 12.65 -16.27
N MET A 64 -0.55 11.39 -16.06
CA MET A 64 -0.57 10.78 -14.73
C MET A 64 0.71 10.01 -14.41
N VAL A 65 1.54 9.79 -15.43
CA VAL A 65 2.82 9.10 -15.25
C VAL A 65 3.78 9.97 -14.43
N ASP A 66 4.43 9.34 -13.45
CA ASP A 66 5.42 10.00 -12.58
C ASP A 66 4.81 11.06 -11.66
N ASN A 67 3.53 10.89 -11.31
CA ASN A 67 2.83 11.83 -10.45
C ASN A 67 3.00 11.57 -8.95
N LEU A 68 3.80 10.55 -8.61
CA LEU A 68 4.11 10.25 -7.21
C LEU A 68 5.54 10.62 -6.86
N ARG A 69 5.71 11.20 -5.67
CA ARG A 69 7.02 11.55 -5.14
C ARG A 69 7.13 11.15 -3.68
N GLY A 70 8.34 11.23 -3.13
CA GLY A 70 8.56 10.95 -1.72
C GLY A 70 10.01 10.73 -1.36
N LYS A 71 10.25 10.47 -0.08
CA LYS A 71 11.56 10.09 0.41
C LYS A 71 11.50 8.68 0.98
N SER A 72 12.64 7.98 0.94
CA SER A 72 12.72 6.59 1.40
C SER A 72 12.20 6.42 2.82
N GLY A 73 11.24 5.50 2.98
CA GLY A 73 10.65 5.21 4.29
C GLY A 73 9.59 6.20 4.75
N GLN A 74 9.34 7.23 3.95
CA GLN A 74 8.37 8.27 4.30
C GLN A 74 7.08 8.18 3.46
N GLY A 75 6.98 7.12 2.66
CA GLY A 75 5.79 6.88 1.85
C GLY A 75 5.74 7.65 0.55
N TYR A 76 4.70 7.39 -0.23
CA TYR A 76 4.51 8.01 -1.54
C TYR A 76 3.35 8.99 -1.50
N TYR A 77 3.57 10.18 -2.03
CA TYR A 77 2.52 11.21 -2.05
C TYR A 77 2.18 11.74 -3.44
N VAL A 78 0.93 12.17 -3.59
CA VAL A 78 0.43 12.78 -4.82
C VAL A 78 -0.01 14.21 -4.52
N GLU A 79 0.16 15.10 -5.50
CA GLU A 79 -0.33 16.47 -5.38
C GLU A 79 -1.85 16.50 -5.56
N MET A 80 -2.53 17.18 -4.63
CA MET A 80 -3.97 17.37 -4.69
C MET A 80 -4.32 18.82 -4.40
N THR A 81 -5.50 19.24 -4.85
CA THR A 81 -6.04 20.56 -4.48
C THR A 81 -7.35 20.40 -3.74
N VAL A 82 -7.56 21.25 -2.74
CA VAL A 82 -8.79 21.25 -1.96
C VAL A 82 -9.33 22.68 -1.83
N GLY A 83 -10.63 22.84 -2.02
CA GLY A 83 -11.30 24.10 -1.80
C GLY A 83 -11.38 25.03 -3.01
N SER A 84 -12.03 26.17 -2.81
CA SER A 84 -12.16 27.19 -3.84
C SER A 84 -11.86 28.58 -3.24
N PRO A 85 -10.78 29.24 -3.70
CA PRO A 85 -9.81 28.80 -4.71
C PRO A 85 -8.98 27.59 -4.25
N PRO A 86 -8.46 26.80 -5.22
CA PRO A 86 -7.74 25.56 -4.88
C PRO A 86 -6.51 25.76 -4.00
N GLN A 87 -6.43 24.96 -2.94
CA GLN A 87 -5.26 24.93 -2.07
C GLN A 87 -4.46 23.67 -2.35
N THR A 88 -3.21 23.85 -2.77
CA THR A 88 -2.33 22.75 -3.14
C THR A 88 -1.75 22.07 -1.90
N LEU A 89 -1.89 20.74 -1.84
CA LEU A 89 -1.35 19.93 -0.76
C LEU A 89 -0.74 18.64 -1.30
N ASN A 90 0.32 18.17 -0.64
CA ASN A 90 0.88 16.85 -0.93
C ASN A 90 0.26 15.81 -0.01
N ILE A 91 -0.28 14.75 -0.61
CA ILE A 91 -1.12 13.80 0.10
C ILE A 91 -0.61 12.37 -0.07
N LEU A 92 -0.33 11.70 1.05
CA LEU A 92 0.14 10.32 1.06
C LEU A 92 -0.90 9.36 0.50
N VAL A 93 -0.47 8.52 -0.44
CA VAL A 93 -1.34 7.51 -1.05
C VAL A 93 -1.32 6.25 -0.19
N ASP A 94 -2.49 5.87 0.32
CA ASP A 94 -2.60 4.78 1.30
C ASP A 94 -3.76 3.82 1.03
N THR A 95 -3.44 2.65 0.50
CA THR A 95 -4.45 1.63 0.22
C THR A 95 -4.86 0.83 1.46
N GLY A 96 -4.28 1.19 2.61
CA GLY A 96 -4.57 0.51 3.87
C GLY A 96 -5.47 1.25 4.83
N SER A 97 -6.06 2.36 4.37
CA SER A 97 -7.05 3.11 5.14
C SER A 97 -8.09 3.72 4.20
N SER A 98 -9.12 4.36 4.77
CA SER A 98 -10.26 4.83 3.98
C SER A 98 -10.68 6.29 4.21
N ASN A 99 -9.90 7.01 5.02
CA ASN A 99 -10.19 8.42 5.28
C ASN A 99 -9.31 9.36 4.46
N PHE A 100 -9.92 10.41 3.94
CA PHE A 100 -9.17 11.53 3.39
C PHE A 100 -9.02 12.57 4.50
N ALA A 101 -7.83 12.62 5.07
CA ALA A 101 -7.55 13.48 6.21
C ALA A 101 -6.34 14.36 5.94
N VAL A 102 -6.48 15.66 6.21
CA VAL A 102 -5.44 16.64 5.93
C VAL A 102 -5.13 17.51 7.14
N GLY A 103 -3.86 17.88 7.28
CA GLY A 103 -3.46 18.86 8.29
C GLY A 103 -4.22 20.15 8.07
N ALA A 104 -4.79 20.70 9.14
CA ALA A 104 -5.59 21.92 9.07
C ALA A 104 -5.16 22.96 10.10
N ALA A 105 -4.06 22.66 10.79
CA ALA A 105 -3.50 23.55 11.80
C ALA A 105 -1.98 23.63 11.60
N PRO A 106 -1.37 24.77 12.03
CA PRO A 106 0.07 24.99 11.81
C PRO A 106 0.98 24.12 12.69
N HIS A 107 0.94 22.81 12.48
CA HIS A 107 1.89 21.89 13.10
C HIS A 107 3.29 22.19 12.55
N PRO A 108 4.30 22.28 13.45
CA PRO A 108 5.68 22.61 13.05
C PRO A 108 6.26 21.76 11.91
N PHE A 109 5.84 20.50 11.80
CA PHE A 109 6.36 19.58 10.78
C PHE A 109 5.84 19.88 9.38
N LEU A 110 4.75 20.62 9.29
CA LEU A 110 4.03 20.80 8.03
C LEU A 110 4.50 22.00 7.21
N HIS A 111 4.74 21.75 5.93
CA HIS A 111 5.05 22.80 4.96
C HIS A 111 3.83 23.70 4.73
N ARG A 112 2.65 23.08 4.76
CA ARG A 112 1.39 23.77 4.52
C ARG A 112 0.22 22.99 5.13
N TYR A 113 -0.95 23.62 5.19
CA TYR A 113 -2.14 23.02 5.78
C TYR A 113 -3.42 23.59 5.19
N TYR A 114 -4.48 22.80 5.30
CA TYR A 114 -5.81 23.16 4.82
C TYR A 114 -6.39 24.30 5.65
N GLN A 115 -6.65 25.43 4.98
CA GLN A 115 -7.24 26.59 5.63
C GLN A 115 -8.68 26.76 5.18
N ARG A 116 -9.59 26.20 5.98
CA ARG A 116 -11.01 26.15 5.65
C ARG A 116 -11.66 27.52 5.51
N GLN A 117 -11.10 28.51 6.21
CA GLN A 117 -11.62 29.89 6.17
C GLN A 117 -11.46 30.55 4.79
N LEU A 118 -10.54 30.03 3.98
CA LEU A 118 -10.25 30.58 2.66
C LEU A 118 -11.11 29.93 1.56
N SER A 119 -11.86 28.90 1.92
CA SER A 119 -12.64 28.14 0.95
C SER A 119 -14.13 28.48 0.99
N SER A 120 -14.64 28.98 -0.14
CA SER A 120 -16.05 29.36 -0.28
C SER A 120 -16.97 28.15 -0.47
N THR A 121 -16.38 27.01 -0.82
CA THR A 121 -17.14 25.80 -1.09
C THR A 121 -17.08 24.78 0.06
N TYR A 122 -16.43 25.16 1.16
CA TYR A 122 -16.35 24.32 2.35
C TYR A 122 -17.72 24.21 3.04
N ARG A 123 -18.10 22.98 3.39
CA ARG A 123 -19.32 22.73 4.15
C ARG A 123 -19.00 21.93 5.41
N ASP A 124 -19.40 22.48 6.55
CA ASP A 124 -19.17 21.85 7.85
C ASP A 124 -20.20 20.75 8.08
N LEU A 125 -19.72 19.56 8.46
CA LEU A 125 -20.60 18.44 8.78
C LEU A 125 -20.95 18.40 10.27
N ARG A 126 -20.34 19.29 11.04
CA ARG A 126 -20.57 19.44 12.48
C ARG A 126 -20.40 18.13 13.25
N LYS A 127 -19.29 17.44 12.95
CA LYS A 127 -18.98 16.15 13.55
C LYS A 127 -17.47 15.98 13.70
N GLY A 128 -17.05 15.52 14.87
CA GLY A 128 -15.65 15.25 15.13
C GLY A 128 -15.30 13.80 14.88
N VAL A 129 -14.01 13.53 14.71
CA VAL A 129 -13.52 12.16 14.50
C VAL A 129 -12.17 11.96 15.22
N TYR A 130 -12.09 10.89 16.01
CA TYR A 130 -10.86 10.54 16.72
C TYR A 130 -10.34 9.20 16.21
N VAL A 131 -9.14 9.23 15.63
CA VAL A 131 -8.56 8.04 15.00
C VAL A 131 -7.22 7.65 15.63
N PRO A 132 -7.25 6.69 16.57
CA PRO A 132 -6.02 6.13 17.12
C PRO A 132 -5.51 4.92 16.33
N TYR A 133 -4.19 4.85 16.18
CA TYR A 133 -3.55 3.70 15.55
C TYR A 133 -2.69 2.96 16.57
N THR A 134 -1.99 1.92 16.13
CA THR A 134 -1.03 1.20 16.95
C THR A 134 0.14 2.12 17.31
N GLN A 135 0.63 2.86 16.31
CA GLN A 135 1.71 3.80 16.47
C GLN A 135 1.27 5.20 16.06
N GLY A 136 0.75 5.95 17.03
CA GLY A 136 0.30 7.33 16.78
C GLY A 136 -1.21 7.47 16.65
N LYS A 137 -1.65 8.72 16.49
CA LYS A 137 -3.08 9.05 16.42
C LYS A 137 -3.32 10.45 15.86
N TRP A 138 -4.52 10.67 15.32
CA TRP A 138 -4.96 12.01 14.95
C TRP A 138 -6.44 12.24 15.26
N GLU A 139 -6.78 13.50 15.53
CA GLU A 139 -8.16 13.92 15.74
C GLU A 139 -8.50 15.01 14.72
N GLY A 140 -9.70 14.93 14.16
CA GLY A 140 -10.11 15.86 13.12
C GLY A 140 -11.55 16.33 13.17
N GLU A 141 -11.84 17.37 12.40
CA GLU A 141 -13.19 17.89 12.25
C GLU A 141 -13.68 17.59 10.83
N LEU A 142 -14.83 16.93 10.74
CA LEU A 142 -15.35 16.45 9.46
C LEU A 142 -16.09 17.53 8.67
N GLY A 143 -15.87 17.53 7.37
CA GLY A 143 -16.53 18.44 6.45
C GLY A 143 -16.44 17.95 5.01
N THR A 144 -16.96 18.75 4.09
CA THR A 144 -16.85 18.46 2.65
C THR A 144 -16.35 19.68 1.90
N ASP A 145 -15.66 19.44 0.79
CA ASP A 145 -15.17 20.50 -0.08
C ASP A 145 -14.83 19.94 -1.46
N LEU A 146 -14.58 20.83 -2.42
CA LEU A 146 -14.20 20.44 -3.77
C LEU A 146 -12.75 20.00 -3.81
N VAL A 147 -12.52 18.82 -4.39
CA VAL A 147 -11.18 18.22 -4.45
C VAL A 147 -10.85 17.82 -5.88
N SER A 148 -9.61 18.11 -6.29
CA SER A 148 -9.10 17.66 -7.59
C SER A 148 -7.66 17.16 -7.47
N ILE A 149 -7.23 16.43 -8.51
CA ILE A 149 -5.86 15.93 -8.59
C ILE A 149 -5.26 16.47 -9.90
N PRO A 150 -4.40 17.51 -9.79
CA PRO A 150 -3.80 18.20 -10.94
C PRO A 150 -3.17 17.26 -11.97
N HIS A 151 -2.42 16.25 -11.49
CA HIS A 151 -1.84 15.25 -12.37
C HIS A 151 -2.63 13.95 -12.34
N GLY A 152 -3.95 14.10 -12.42
CA GLY A 152 -4.89 12.98 -12.51
C GLY A 152 -5.94 13.30 -13.57
N PRO A 153 -7.15 12.74 -13.42
CA PRO A 153 -8.22 13.05 -14.36
C PRO A 153 -8.69 14.50 -14.21
N ASN A 154 -9.11 15.12 -15.32
CA ASN A 154 -9.54 16.50 -15.31
C ASN A 154 -10.97 16.65 -14.80
N VAL A 155 -11.14 16.40 -13.50
CA VAL A 155 -12.45 16.46 -12.83
C VAL A 155 -12.32 17.06 -11.42
N THR A 156 -13.42 17.55 -10.89
CA THR A 156 -13.48 18.06 -9.52
C THR A 156 -14.70 17.47 -8.82
N VAL A 157 -14.47 16.87 -7.65
CA VAL A 157 -15.53 16.22 -6.88
C VAL A 157 -15.68 16.80 -5.47
N ARG A 158 -16.90 16.71 -4.94
CA ARG A 158 -17.13 17.04 -3.54
C ARG A 158 -16.90 15.80 -2.71
N ALA A 159 -15.88 15.84 -1.85
CA ALA A 159 -15.49 14.69 -1.05
C ALA A 159 -15.44 15.04 0.42
N ASN A 160 -15.60 14.01 1.26
CA ASN A 160 -15.42 14.15 2.70
C ASN A 160 -13.95 14.42 3.04
N ILE A 161 -13.73 15.38 3.94
CA ILE A 161 -12.38 15.72 4.39
C ILE A 161 -12.37 15.85 5.90
N ALA A 162 -11.47 15.11 6.55
CA ALA A 162 -11.24 15.26 7.97
C ALA A 162 -10.12 16.27 8.19
N ALA A 163 -10.48 17.44 8.70
CA ALA A 163 -9.52 18.50 8.97
C ALA A 163 -8.82 18.23 10.30
N ILE A 164 -7.56 17.79 10.21
CA ILE A 164 -6.79 17.37 11.39
C ILE A 164 -6.38 18.57 12.25
N THR A 165 -6.87 18.56 13.49
CA THR A 165 -6.67 19.66 14.43
C THR A 165 -5.75 19.28 15.58
N GLU A 166 -5.51 17.98 15.73
CA GLU A 166 -4.62 17.44 16.77
C GLU A 166 -4.07 16.10 16.33
N SER A 167 -2.76 15.89 16.56
CA SER A 167 -2.11 14.62 16.21
C SER A 167 -0.92 14.28 17.10
N ASP A 168 -0.54 13.01 17.11
CA ASP A 168 0.65 12.54 17.80
C ASP A 168 1.25 11.39 17.00
N LYS A 169 2.55 11.49 16.71
CA LYS A 169 3.30 10.46 15.97
C LYS A 169 2.62 10.09 14.64
N PHE A 170 2.04 11.08 13.98
CA PHE A 170 1.34 10.87 12.71
C PHE A 170 2.12 11.50 11.55
N PHE A 171 2.35 12.81 11.64
CA PHE A 171 3.16 13.50 10.64
C PHE A 171 4.64 13.22 10.89
N ILE A 172 5.41 13.13 9.81
CA ILE A 172 6.84 12.81 9.89
C ILE A 172 7.67 14.09 9.82
N ASN A 173 8.59 14.25 10.77
CA ASN A 173 9.51 15.38 10.77
C ASN A 173 10.51 15.27 9.61
N GLY A 174 10.38 16.18 8.65
CA GLY A 174 11.24 16.18 7.48
C GLY A 174 10.57 15.69 6.21
N SER A 175 9.32 15.25 6.32
CA SER A 175 8.57 14.77 5.17
C SER A 175 7.93 15.92 4.40
N ASN A 176 7.52 15.65 3.16
CA ASN A 176 6.95 16.68 2.30
C ASN A 176 5.44 16.47 2.02
N TRP A 177 4.78 15.70 2.87
CA TRP A 177 3.34 15.54 2.79
C TRP A 177 2.63 16.04 4.06
N GLU A 178 1.37 16.45 3.90
CA GLU A 178 0.61 17.04 5.00
C GLU A 178 -0.80 16.45 5.11
N GLY A 179 -1.03 15.34 4.41
CA GLY A 179 -2.31 14.65 4.45
C GLY A 179 -2.23 13.21 3.99
N ILE A 180 -3.34 12.49 4.16
CA ILE A 180 -3.41 11.08 3.77
C ILE A 180 -4.68 10.80 2.96
N LEU A 181 -4.51 10.08 1.85
CA LEU A 181 -5.62 9.67 1.01
C LEU A 181 -5.91 8.18 1.19
N GLY A 182 -6.95 7.89 1.96
CA GLY A 182 -7.38 6.50 2.18
C GLY A 182 -8.11 5.99 0.96
N LEU A 183 -7.53 5.00 0.29
CA LEU A 183 -8.09 4.47 -0.95
C LEU A 183 -8.86 3.16 -0.79
N ALA A 184 -8.93 2.66 0.45
CA ALA A 184 -9.69 1.44 0.74
C ALA A 184 -11.19 1.73 0.89
N TYR A 185 -11.94 0.73 1.35
CA TYR A 185 -13.41 0.78 1.33
C TYR A 185 -14.04 1.38 2.59
N ALA A 186 -15.31 1.75 2.47
CA ALA A 186 -16.07 2.42 3.55
C ALA A 186 -16.15 1.64 4.86
N GLU A 187 -16.09 0.31 4.78
CA GLU A 187 -16.19 -0.56 5.95
C GLU A 187 -15.20 -0.19 7.07
N ILE A 188 -14.01 0.25 6.69
CA ILE A 188 -12.99 0.66 7.66
C ILE A 188 -12.81 2.18 7.77
N ALA A 189 -13.76 2.93 7.23
CA ALA A 189 -13.76 4.39 7.35
C ALA A 189 -14.20 4.80 8.74
N ARG A 190 -13.63 5.89 9.24
CA ARG A 190 -13.92 6.36 10.60
C ARG A 190 -14.67 7.69 10.54
N PRO A 191 -15.68 7.90 11.41
CA PRO A 191 -16.10 7.03 12.53
C PRO A 191 -16.87 5.76 12.14
N ASP A 192 -17.48 5.75 10.94
CA ASP A 192 -18.25 4.61 10.46
C ASP A 192 -18.33 4.55 8.94
N ASP A 193 -19.05 3.55 8.41
CA ASP A 193 -19.11 3.30 6.97
C ASP A 193 -20.02 4.25 6.18
N SER A 194 -20.71 5.15 6.88
CA SER A 194 -21.54 6.15 6.22
C SER A 194 -20.72 7.33 5.68
N LEU A 195 -19.46 7.44 6.14
CA LEU A 195 -18.54 8.44 5.62
C LEU A 195 -17.88 7.94 4.34
N GLU A 196 -18.38 8.41 3.21
CA GLU A 196 -17.95 7.98 1.88
C GLU A 196 -16.48 8.32 1.64
N PRO A 197 -15.65 7.30 1.31
CA PRO A 197 -14.25 7.52 0.95
C PRO A 197 -14.12 8.30 -0.37
N PHE A 198 -12.96 8.91 -0.57
CA PHE A 198 -12.71 9.76 -1.74
C PHE A 198 -12.99 9.08 -3.08
N PHE A 199 -12.44 7.88 -3.27
CA PHE A 199 -12.56 7.18 -4.55
C PHE A 199 -13.99 6.77 -4.86
N ASP A 200 -14.76 6.44 -3.83
CA ASP A 200 -16.19 6.17 -3.99
C ASP A 200 -16.94 7.41 -4.46
N SER A 201 -16.58 8.57 -3.90
CA SER A 201 -17.15 9.86 -4.32
C SER A 201 -16.76 10.20 -5.76
N LEU A 202 -15.50 9.94 -6.10
CA LEU A 202 -14.97 10.21 -7.44
C LEU A 202 -15.72 9.43 -8.53
N VAL A 203 -15.90 8.14 -8.30
CA VAL A 203 -16.57 7.26 -9.26
C VAL A 203 -18.06 7.58 -9.39
N LYS A 204 -18.69 7.93 -8.27
CA LYS A 204 -20.12 8.27 -8.26
C LYS A 204 -20.44 9.59 -8.97
N GLN A 205 -19.56 10.58 -8.80
CA GLN A 205 -19.82 11.94 -9.31
C GLN A 205 -19.31 12.18 -10.73
N THR A 206 -18.40 11.32 -11.20
CA THR A 206 -17.82 11.47 -12.54
C THR A 206 -17.94 10.18 -13.35
N HIS A 207 -17.36 10.20 -14.56
CA HIS A 207 -17.32 9.02 -15.42
C HIS A 207 -15.97 8.30 -15.35
N VAL A 208 -15.21 8.56 -14.29
CA VAL A 208 -13.94 7.88 -14.04
C VAL A 208 -14.21 6.41 -13.71
N PRO A 209 -13.63 5.47 -14.49
CA PRO A 209 -13.81 4.04 -14.25
C PRO A 209 -13.40 3.63 -12.83
N ASN A 210 -14.10 2.66 -12.27
CA ASN A 210 -13.87 2.21 -10.90
C ASN A 210 -12.61 1.33 -10.80
N LEU A 211 -11.46 1.97 -10.99
CA LEU A 211 -10.17 1.29 -11.02
C LEU A 211 -9.05 2.31 -10.83
N PHE A 212 -8.00 1.91 -10.12
CA PHE A 212 -6.75 2.66 -10.10
C PHE A 212 -5.57 1.71 -10.03
N SER A 213 -4.40 2.16 -10.48
CA SER A 213 -3.20 1.34 -10.43
C SER A 213 -2.01 2.10 -9.86
N LEU A 214 -1.11 1.36 -9.22
CA LEU A 214 0.06 1.96 -8.58
C LEU A 214 1.36 1.31 -9.04
N GLN A 215 2.27 2.14 -9.53
CA GLN A 215 3.65 1.72 -9.76
C GLN A 215 4.55 2.49 -8.79
N LEU A 216 4.99 1.80 -7.75
CA LEU A 216 5.89 2.39 -6.76
C LEU A 216 7.32 2.00 -7.09
N CYS A 217 8.18 2.99 -7.32
CA CYS A 217 9.56 2.74 -7.72
C CYS A 217 10.53 3.03 -6.57
N GLY A 218 11.47 2.11 -6.36
CA GLY A 218 12.47 2.24 -5.30
C GLY A 218 13.59 3.20 -5.66
N SER A 231 13.87 11.61 -4.00
CA SER A 231 14.41 10.34 -3.49
C SER A 231 13.72 9.13 -4.14
N VAL A 232 12.42 9.00 -3.93
CA VAL A 232 11.63 7.95 -4.60
C VAL A 232 10.53 8.54 -5.48
N GLY A 233 10.07 7.74 -6.45
CA GLY A 233 9.04 8.17 -7.38
C GLY A 233 8.07 7.05 -7.76
N GLY A 234 7.10 7.38 -8.60
CA GLY A 234 6.12 6.40 -9.06
C GLY A 234 4.94 7.01 -9.78
N SER A 235 3.95 6.17 -10.09
CA SER A 235 2.76 6.60 -10.82
C SER A 235 1.49 6.05 -10.18
N MET A 236 0.52 6.93 -9.97
CA MET A 236 -0.84 6.52 -9.65
C MET A 236 -1.72 6.82 -10.85
N ILE A 237 -2.11 5.77 -11.56
CA ILE A 237 -2.98 5.91 -12.72
C ILE A 237 -4.42 5.75 -12.25
N ILE A 238 -5.15 6.86 -12.29
CA ILE A 238 -6.53 6.92 -11.81
C ILE A 238 -7.50 6.68 -12.97
N GLY A 239 -8.31 5.64 -12.83
CA GLY A 239 -9.33 5.31 -13.82
C GLY A 239 -8.86 4.41 -14.95
N GLY A 240 -7.66 3.85 -14.83
CA GLY A 240 -7.13 3.01 -15.89
C GLY A 240 -5.78 2.36 -15.64
N ILE A 241 -5.23 1.80 -16.72
CA ILE A 241 -3.97 1.07 -16.68
C ILE A 241 -3.05 1.60 -17.78
N ASP A 242 -1.81 1.91 -17.41
CA ASP A 242 -0.79 2.32 -18.38
C ASP A 242 0.14 1.12 -18.62
N HIS A 243 0.09 0.60 -19.85
CA HIS A 243 0.78 -0.66 -20.18
C HIS A 243 2.30 -0.53 -20.33
N SER A 244 2.79 0.71 -20.43
CA SER A 244 4.22 0.97 -20.51
C SER A 244 4.90 0.83 -19.14
N LEU A 245 4.10 0.78 -18.09
CA LEU A 245 4.61 0.70 -16.72
C LEU A 245 4.88 -0.73 -16.24
N TYR A 246 4.55 -1.72 -17.07
CA TYR A 246 4.80 -3.12 -16.74
C TYR A 246 5.24 -3.97 -17.92
N THR A 247 5.87 -5.11 -17.61
CA THR A 247 6.26 -6.09 -18.61
C THR A 247 5.52 -7.41 -18.37
N GLY A 248 5.35 -8.19 -19.43
CA GLY A 248 4.62 -9.44 -19.36
C GLY A 248 3.12 -9.22 -19.16
N SER A 249 2.46 -10.19 -18.54
CA SER A 249 1.02 -10.14 -18.35
C SER A 249 0.63 -9.80 -16.91
N LEU A 250 -0.51 -9.16 -16.76
CA LEU A 250 -1.13 -8.95 -15.46
C LEU A 250 -1.79 -10.26 -15.00
N TRP A 251 -1.62 -10.56 -13.72
CA TRP A 251 -2.27 -11.71 -13.10
C TRP A 251 -3.13 -11.24 -11.93
N TYR A 252 -4.39 -11.67 -11.93
CA TYR A 252 -5.37 -11.15 -10.97
C TYR A 252 -5.68 -12.10 -9.83
N THR A 253 -5.78 -11.54 -8.63
CA THR A 253 -6.21 -12.25 -7.43
C THR A 253 -7.49 -11.60 -6.91
N PRO A 254 -8.48 -12.40 -6.47
CA PRO A 254 -9.74 -11.83 -6.02
C PRO A 254 -9.60 -11.01 -4.74
N ILE A 255 -10.34 -9.90 -4.66
CA ILE A 255 -10.50 -9.17 -3.41
C ILE A 255 -11.53 -9.94 -2.60
N ARG A 256 -11.06 -10.60 -1.53
CA ARG A 256 -11.90 -11.48 -0.71
C ARG A 256 -13.06 -10.74 -0.06
N ARG A 257 -12.78 -9.55 0.48
CA ARG A 257 -13.78 -8.72 1.12
C ARG A 257 -13.45 -7.25 0.91
N GLU A 258 -14.48 -6.46 0.66
CA GLU A 258 -14.32 -5.03 0.43
C GLU A 258 -14.30 -4.22 1.73
N TRP A 259 -13.14 -4.22 2.40
CA TRP A 259 -12.88 -3.37 3.56
C TRP A 259 -11.46 -2.81 3.43
N TYR A 260 -10.46 -3.61 3.81
CA TYR A 260 -9.11 -3.43 3.30
C TYR A 260 -9.10 -4.06 1.91
N TYR A 261 -7.97 -3.95 1.21
CA TYR A 261 -7.79 -4.74 -0.01
C TYR A 261 -7.28 -6.12 0.37
N GLU A 262 -8.21 -6.96 0.82
CA GLU A 262 -7.89 -8.27 1.37
C GLU A 262 -7.71 -9.31 0.28
N VAL A 263 -6.61 -10.05 0.37
CA VAL A 263 -6.28 -11.13 -0.56
C VAL A 263 -5.97 -12.41 0.19
N ILE A 264 -5.81 -13.51 -0.54
CA ILE A 264 -5.48 -14.81 0.06
C ILE A 264 -4.17 -15.36 -0.51
N ILE A 265 -3.20 -15.56 0.38
CA ILE A 265 -1.94 -16.22 0.05
C ILE A 265 -2.11 -17.72 0.26
N VAL A 266 -1.75 -18.51 -0.75
CA VAL A 266 -2.01 -19.95 -0.71
C VAL A 266 -0.74 -20.80 -0.54
N ARG A 267 0.42 -20.19 -0.78
CA ARG A 267 1.71 -20.88 -0.69
C ARG A 267 2.84 -19.84 -0.57
N VAL A 268 3.84 -20.16 0.24
CA VAL A 268 5.02 -19.30 0.38
C VAL A 268 6.30 -20.12 0.13
N GLU A 269 7.15 -19.63 -0.76
CA GLU A 269 8.43 -20.28 -1.06
C GLU A 269 9.61 -19.35 -0.80
N ILE A 270 10.68 -19.93 -0.24
CA ILE A 270 11.95 -19.24 -0.07
C ILE A 270 12.99 -19.95 -0.93
N ASN A 271 13.49 -19.25 -1.95
CA ASN A 271 14.37 -19.83 -2.98
C ASN A 271 13.80 -21.10 -3.63
N GLY A 272 12.48 -21.13 -3.81
CA GLY A 272 11.79 -22.27 -4.40
C GLY A 272 11.39 -23.35 -3.41
N GLN A 273 11.90 -23.24 -2.20
CA GLN A 273 11.59 -24.21 -1.14
C GLN A 273 10.34 -23.80 -0.36
N ASP A 274 9.33 -24.65 -0.41
CA ASP A 274 8.05 -24.43 0.27
C ASP A 274 8.22 -24.42 1.79
N LEU A 275 7.51 -23.52 2.47
CA LEU A 275 7.54 -23.42 3.92
C LEU A 275 6.81 -24.56 4.63
N LYS A 276 5.95 -25.25 3.87
CA LYS A 276 5.18 -26.42 4.35
C LYS A 276 4.32 -26.11 5.59
N MET A 277 3.67 -24.94 5.56
CA MET A 277 2.78 -24.53 6.64
C MET A 277 1.33 -24.64 6.21
N ASP A 278 0.44 -24.80 7.18
CA ASP A 278 -1.01 -24.68 6.93
C ASP A 278 -1.24 -23.29 6.33
N CYS A 279 -1.77 -23.25 5.12
CA CYS A 279 -1.93 -22.00 4.38
C CYS A 279 -2.85 -20.98 5.07
N LYS A 280 -3.63 -21.46 6.03
CA LYS A 280 -4.47 -20.60 6.86
C LYS A 280 -3.62 -19.68 7.75
N GLU A 281 -2.43 -20.17 8.11
CA GLU A 281 -1.47 -19.39 8.91
C GLU A 281 -0.96 -18.15 8.17
N TYR A 282 -0.86 -18.25 6.84
CA TYR A 282 -0.40 -17.13 6.00
C TYR A 282 -1.39 -15.97 5.99
N ASN A 283 -2.66 -16.28 6.28
CA ASN A 283 -3.73 -15.29 6.23
C ASN A 283 -4.44 -15.11 7.57
N TYR A 284 -3.68 -15.26 8.66
CA TYR A 284 -4.22 -15.09 10.01
C TYR A 284 -3.76 -13.75 10.60
N ASP A 285 -4.70 -12.84 10.83
CA ASP A 285 -6.13 -13.04 10.61
C ASP A 285 -6.60 -12.57 9.22
N LYS A 286 -5.70 -11.92 8.49
CA LYS A 286 -5.98 -11.45 7.14
C LYS A 286 -4.67 -11.21 6.36
N SER A 287 -4.80 -11.00 5.05
CA SER A 287 -3.70 -10.57 4.21
C SER A 287 -4.18 -9.40 3.37
N ILE A 288 -3.41 -8.30 3.38
CA ILE A 288 -3.82 -7.07 2.69
C ILE A 288 -2.72 -6.48 1.81
N VAL A 289 -3.11 -5.62 0.87
CA VAL A 289 -2.19 -4.86 0.05
C VAL A 289 -2.24 -3.41 0.52
N ASP A 290 -1.11 -2.91 1.01
CA ASP A 290 -1.06 -1.63 1.72
C ASP A 290 0.13 -0.76 1.31
N SER A 291 -0.15 0.30 0.55
CA SER A 291 0.89 1.22 0.07
C SER A 291 1.39 2.16 1.17
N GLY A 292 0.65 2.24 2.27
CA GLY A 292 1.02 3.10 3.40
C GLY A 292 1.92 2.44 4.42
N THR A 293 2.26 1.18 4.18
CA THR A 293 3.19 0.43 5.02
C THR A 293 4.46 0.11 4.23
N THR A 294 5.61 0.26 4.87
CA THR A 294 6.90 -0.01 4.23
C THR A 294 7.19 -1.52 4.14
N ASN A 295 7.11 -2.20 5.27
CA ASN A 295 7.53 -3.59 5.39
C ASN A 295 6.58 -4.62 4.78
N LEU A 296 7.13 -5.79 4.47
CA LEU A 296 6.33 -7.00 4.30
C LEU A 296 6.14 -7.55 5.70
N ARG A 297 4.92 -7.41 6.23
CA ARG A 297 4.59 -7.90 7.56
C ARG A 297 3.96 -9.28 7.45
N LEU A 298 4.45 -10.21 8.28
CA LEU A 298 3.96 -11.59 8.28
C LEU A 298 3.50 -12.00 9.67
N PRO A 299 2.48 -12.86 9.76
CA PRO A 299 2.10 -13.43 11.06
C PRO A 299 3.31 -14.08 11.73
N LYS A 300 3.42 -13.94 13.05
CA LYS A 300 4.62 -14.35 13.77
C LYS A 300 5.05 -15.80 13.54
N LYS A 301 4.08 -16.70 13.43
CA LYS A 301 4.37 -18.12 13.16
C LYS A 301 4.94 -18.30 11.74
N VAL A 302 4.43 -17.51 10.80
CA VAL A 302 4.93 -17.50 9.43
C VAL A 302 6.30 -16.83 9.35
N PHE A 303 6.43 -15.71 10.07
CA PHE A 303 7.69 -14.96 10.12
C PHE A 303 8.86 -15.79 10.65
N GLU A 304 8.62 -16.55 11.71
CA GLU A 304 9.64 -17.38 12.33
C GLU A 304 10.14 -18.50 11.41
N ALA A 305 9.20 -19.10 10.66
CA ALA A 305 9.53 -20.11 9.67
C ALA A 305 10.21 -19.51 8.44
N ALA A 306 9.76 -18.31 8.06
CA ALA A 306 10.34 -17.58 6.93
C ALA A 306 11.79 -17.16 7.23
N VAL A 307 12.02 -16.59 8.42
CA VAL A 307 13.35 -16.15 8.83
C VAL A 307 14.34 -17.30 8.94
N LYS A 308 13.89 -18.42 9.50
CA LYS A 308 14.72 -19.62 9.64
C LYS A 308 15.20 -20.14 8.28
N SER A 309 14.33 -20.06 7.27
CA SER A 309 14.67 -20.47 5.92
C SER A 309 15.61 -19.47 5.23
N ILE A 310 15.39 -18.18 5.49
CA ILE A 310 16.25 -17.12 4.95
C ILE A 310 17.65 -17.19 5.58
N LYS A 311 17.71 -17.51 6.88
CA LYS A 311 18.98 -17.70 7.59
C LYS A 311 19.77 -18.88 7.04
N ALA A 312 19.06 -19.97 6.73
CA ALA A 312 19.68 -21.18 6.18
C ALA A 312 20.19 -20.98 4.77
N ALA A 313 19.44 -20.23 3.96
CA ALA A 313 19.83 -19.93 2.58
C ALA A 313 21.00 -18.95 2.51
N SER A 314 21.09 -18.08 3.51
CA SER A 314 22.20 -17.13 3.61
C SER A 314 23.18 -17.54 4.71
N SER A 315 23.57 -18.81 4.70
CA SER A 315 24.47 -19.38 5.71
C SER A 315 25.94 -19.04 5.48
N THR A 316 26.23 -18.43 4.33
CA THR A 316 27.59 -18.01 3.98
C THR A 316 28.09 -16.92 4.94
N GLU A 317 27.21 -15.97 5.26
CA GLU A 317 27.52 -14.92 6.23
C GLU A 317 26.68 -15.08 7.49
N LYS A 318 27.28 -14.73 8.63
CA LYS A 318 26.60 -14.81 9.92
C LYS A 318 26.14 -13.43 10.39
N PHE A 319 24.85 -13.32 10.69
CA PHE A 319 24.25 -12.07 11.14
C PHE A 319 23.69 -12.18 12.56
N PRO A 320 23.78 -11.10 13.36
CA PRO A 320 23.20 -11.07 14.71
C PRO A 320 21.69 -11.26 14.70
N ASP A 321 21.15 -11.79 15.79
CA ASP A 321 19.72 -12.07 15.94
C ASP A 321 18.86 -10.81 15.92
N GLY A 322 19.45 -9.70 16.37
CA GLY A 322 18.77 -8.39 16.36
C GLY A 322 18.45 -7.88 14.98
N PHE A 323 19.32 -8.19 14.01
CA PHE A 323 19.12 -7.80 12.62
C PHE A 323 17.84 -8.40 12.02
N TRP A 324 17.59 -9.67 12.32
CA TRP A 324 16.41 -10.39 11.81
C TRP A 324 15.11 -9.90 12.45
N LEU A 325 15.21 -9.35 13.66
CA LEU A 325 14.05 -8.84 14.39
C LEU A 325 13.81 -7.34 14.14
N GLY A 326 14.68 -6.73 13.34
CA GLY A 326 14.59 -5.31 13.03
C GLY A 326 15.01 -4.42 14.21
N GLU A 327 15.89 -4.96 15.05
CA GLU A 327 16.38 -4.25 16.23
C GLU A 327 17.75 -3.62 15.98
N GLN A 328 18.36 -3.99 14.87
CA GLN A 328 19.68 -3.49 14.48
C GLN A 328 19.87 -3.49 12.97
N LEU A 329 20.82 -2.68 12.51
CA LEU A 329 21.15 -2.60 11.09
C LEU A 329 22.41 -3.41 10.77
N VAL A 330 22.56 -3.80 9.51
CA VAL A 330 23.75 -4.52 9.04
C VAL A 330 24.47 -3.72 7.96
N CYS A 331 25.81 -3.72 8.03
CA CYS A 331 26.63 -2.96 7.09
C CYS A 331 27.63 -3.85 6.38
N ASN A 340 23.44 -12.11 -3.94
CA ASN A 340 23.49 -13.52 -4.31
C ASN A 340 23.30 -14.45 -3.12
N ILE A 341 23.75 -14.01 -1.95
CA ILE A 341 23.67 -14.81 -0.72
C ILE A 341 22.25 -14.87 -0.16
N PHE A 342 21.48 -13.80 -0.37
CA PHE A 342 20.11 -13.72 0.13
C PHE A 342 19.11 -14.33 -0.86
N PRO A 343 18.12 -15.09 -0.33
CA PRO A 343 17.16 -15.82 -1.16
C PRO A 343 16.02 -14.96 -1.70
N VAL A 344 15.41 -15.43 -2.78
CA VAL A 344 14.18 -14.82 -3.30
C VAL A 344 12.98 -15.31 -2.48
N ILE A 345 11.93 -14.48 -2.42
CA ILE A 345 10.71 -14.84 -1.70
C ILE A 345 9.52 -14.83 -2.65
N SER A 346 8.83 -15.96 -2.72
CA SER A 346 7.67 -16.11 -3.60
C SER A 346 6.38 -16.27 -2.81
N LEU A 347 5.40 -15.45 -3.15
CA LEU A 347 4.06 -15.58 -2.59
C LEU A 347 3.10 -16.05 -3.69
N TYR A 348 2.47 -17.20 -3.47
CA TYR A 348 1.43 -17.68 -4.37
C TYR A 348 0.10 -17.10 -3.92
N LEU A 349 -0.59 -16.45 -4.85
CA LEU A 349 -1.88 -15.84 -4.57
C LEU A 349 -3.00 -16.60 -5.24
N MET A 350 -4.17 -16.60 -4.61
CA MET A 350 -5.36 -17.23 -5.17
C MET A 350 -5.66 -16.63 -6.56
N GLY A 351 -5.90 -17.50 -7.53
CA GLY A 351 -6.18 -17.05 -8.90
C GLY A 351 -7.65 -16.74 -9.12
N GLU A 352 -7.99 -16.43 -10.37
CA GLU A 352 -9.37 -16.11 -10.74
C GLU A 352 -10.22 -17.36 -10.92
N VAL A 353 -9.56 -18.49 -11.17
CA VAL A 353 -10.23 -19.75 -11.50
C VAL A 353 -10.03 -20.77 -10.38
N THR A 354 -11.03 -21.61 -10.16
CA THR A 354 -10.97 -22.72 -9.20
C THR A 354 -9.69 -23.55 -9.40
N ASN A 355 -8.99 -23.81 -8.30
CA ASN A 355 -7.75 -24.60 -8.29
C ASN A 355 -6.57 -23.99 -9.09
N GLN A 356 -6.70 -22.71 -9.43
CA GLN A 356 -5.65 -22.00 -10.18
C GLN A 356 -5.06 -20.87 -9.35
N SER A 357 -3.73 -20.80 -9.32
CA SER A 357 -3.01 -19.73 -8.63
C SER A 357 -1.91 -19.16 -9.52
N PHE A 358 -1.29 -18.08 -9.05
CA PHE A 358 -0.09 -17.53 -9.66
C PHE A 358 0.87 -17.12 -8.54
N ARG A 359 2.14 -16.93 -8.89
CA ARG A 359 3.13 -16.53 -7.89
C ARG A 359 3.79 -15.19 -8.22
N ILE A 360 4.05 -14.43 -7.16
CA ILE A 360 4.85 -13.20 -7.28
C ILE A 360 6.16 -13.39 -6.52
N THR A 361 7.27 -13.03 -7.15
CA THR A 361 8.59 -13.24 -6.58
C THR A 361 9.33 -11.92 -6.39
N ILE A 362 9.81 -11.69 -5.17
CA ILE A 362 10.60 -10.49 -4.85
C ILE A 362 12.07 -10.84 -4.57
N LEU A 363 12.92 -9.83 -4.67
CA LEU A 363 14.37 -10.00 -4.51
C LEU A 363 14.85 -9.40 -3.18
N PRO A 364 16.09 -9.70 -2.77
CA PRO A 364 16.74 -9.05 -1.63
C PRO A 364 16.74 -7.52 -1.77
N GLN A 365 16.81 -7.03 -3.00
CA GLN A 365 16.76 -5.60 -3.30
C GLN A 365 15.46 -4.95 -2.83
N GLN A 366 14.43 -5.76 -2.63
CA GLN A 366 13.14 -5.30 -2.13
C GLN A 366 13.02 -5.34 -0.61
N TYR A 367 13.44 -6.45 0.00
CA TYR A 367 13.26 -6.64 1.45
C TYR A 367 14.45 -6.21 2.31
N LEU A 368 15.59 -5.95 1.68
CA LEU A 368 16.74 -5.37 2.36
C LEU A 368 16.91 -3.92 1.92
N ARG A 369 16.41 -3.01 2.74
CA ARG A 369 16.30 -1.60 2.37
C ARG A 369 17.43 -0.75 2.95
N PRO A 370 18.02 0.14 2.12
CA PRO A 370 19.07 1.04 2.57
C PRO A 370 18.55 2.07 3.57
N VAL A 371 19.34 2.37 4.59
CA VAL A 371 18.96 3.33 5.62
C VAL A 371 19.92 4.52 5.68
N ASP A 380 27.48 0.93 3.62
CA ASP A 380 26.04 1.06 3.39
C ASP A 380 25.24 0.29 4.44
N CYS A 381 24.32 0.98 5.10
CA CYS A 381 23.49 0.39 6.15
C CYS A 381 22.19 -0.15 5.57
N TYR A 382 21.90 -1.42 5.87
CA TYR A 382 20.66 -2.05 5.41
C TYR A 382 19.79 -2.53 6.57
N LYS A 383 18.48 -2.35 6.42
CA LYS A 383 17.51 -2.82 7.41
C LYS A 383 16.68 -3.95 6.83
N PHE A 384 16.58 -5.05 7.58
CA PHE A 384 15.72 -6.17 7.21
C PHE A 384 14.26 -5.75 7.33
N ALA A 385 13.60 -5.63 6.19
CA ALA A 385 12.25 -5.05 6.13
C ALA A 385 11.13 -6.09 6.06
N ILE A 386 11.36 -7.23 6.70
CA ILE A 386 10.31 -8.22 6.93
C ILE A 386 10.14 -8.35 8.44
N SER A 387 8.90 -8.16 8.92
CA SER A 387 8.64 -8.11 10.35
C SER A 387 7.44 -8.95 10.76
N GLN A 388 7.39 -9.29 12.04
CA GLN A 388 6.27 -10.02 12.63
C GLN A 388 5.04 -9.11 12.76
N SER A 389 3.85 -9.72 12.71
CA SER A 389 2.60 -8.96 12.71
C SER A 389 1.52 -9.64 13.55
N SER A 390 0.69 -8.82 14.20
CA SER A 390 -0.45 -9.28 14.98
C SER A 390 -1.74 -9.15 14.18
N THR A 391 -1.68 -8.35 13.12
CA THR A 391 -2.86 -8.03 12.31
C THR A 391 -2.88 -8.76 10.97
N GLY A 392 -2.05 -9.80 10.85
CA GLY A 392 -1.98 -10.61 9.64
C GLY A 392 -0.91 -10.13 8.66
N THR A 393 -0.94 -10.68 7.45
CA THR A 393 0.03 -10.31 6.42
C THR A 393 -0.25 -8.92 5.86
N VAL A 394 0.81 -8.11 5.76
CA VAL A 394 0.72 -6.80 5.12
C VAL A 394 1.71 -6.77 3.96
N MET A 395 1.17 -6.75 2.74
CA MET A 395 1.99 -6.59 1.54
C MET A 395 2.23 -5.10 1.31
N GLY A 396 3.28 -4.60 1.96
CA GLY A 396 3.61 -3.18 1.91
C GLY A 396 4.47 -2.81 0.72
N ALA A 397 5.24 -1.74 0.88
CA ALA A 397 6.12 -1.23 -0.18
C ALA A 397 7.15 -2.28 -0.63
N VAL A 398 7.59 -3.13 0.30
CA VAL A 398 8.53 -4.22 0.00
C VAL A 398 8.05 -5.09 -1.16
N ILE A 399 6.76 -5.42 -1.14
CA ILE A 399 6.14 -6.19 -2.23
C ILE A 399 5.82 -5.28 -3.42
N MET A 400 5.12 -4.18 -3.16
CA MET A 400 4.58 -3.32 -4.20
C MET A 400 5.62 -2.69 -5.13
N GLU A 401 6.81 -2.43 -4.60
CA GLU A 401 7.89 -1.81 -5.40
C GLU A 401 8.45 -2.74 -6.49
N GLY A 402 8.19 -4.04 -6.37
CA GLY A 402 8.59 -5.00 -7.38
C GLY A 402 7.60 -5.13 -8.52
N PHE A 403 6.38 -4.61 -8.31
CA PHE A 403 5.28 -4.87 -9.24
C PHE A 403 4.43 -3.65 -9.61
N TYR A 404 3.80 -3.73 -10.77
CA TYR A 404 2.73 -2.82 -11.14
C TYR A 404 1.44 -3.44 -10.61
N VAL A 405 0.78 -2.74 -9.70
CA VAL A 405 -0.38 -3.27 -8.99
C VAL A 405 -1.67 -2.56 -9.43
N VAL A 406 -2.62 -3.35 -9.93
CA VAL A 406 -3.90 -2.81 -10.40
C VAL A 406 -5.00 -3.11 -9.40
N PHE A 407 -5.61 -2.06 -8.87
CA PHE A 407 -6.72 -2.19 -7.92
C PHE A 407 -8.02 -2.09 -8.70
N ASP A 408 -8.45 -3.23 -9.24
CA ASP A 408 -9.62 -3.32 -10.10
C ASP A 408 -10.87 -3.49 -9.24
N ARG A 409 -11.36 -2.37 -8.72
CA ARG A 409 -12.52 -2.35 -7.84
C ARG A 409 -13.80 -2.82 -8.53
N ALA A 410 -13.95 -2.47 -9.81
CA ALA A 410 -15.13 -2.84 -10.60
C ALA A 410 -15.32 -4.36 -10.71
N ARG A 411 -14.21 -5.10 -10.74
CA ARG A 411 -14.27 -6.55 -10.86
C ARG A 411 -13.80 -7.29 -9.60
N LYS A 412 -13.69 -6.55 -8.49
CA LYS A 412 -13.28 -7.09 -7.19
C LYS A 412 -12.03 -7.96 -7.28
N ARG A 413 -10.97 -7.40 -7.88
CA ARG A 413 -9.73 -8.13 -8.08
C ARG A 413 -8.52 -7.20 -8.08
N ILE A 414 -7.36 -7.75 -7.74
CA ILE A 414 -6.09 -7.01 -7.76
C ILE A 414 -5.13 -7.67 -8.74
N GLY A 415 -4.63 -6.87 -9.68
CA GLY A 415 -3.71 -7.36 -10.71
C GLY A 415 -2.26 -7.11 -10.37
N PHE A 416 -1.41 -8.11 -10.63
CA PHE A 416 0.03 -8.00 -10.42
C PHE A 416 0.77 -8.25 -11.72
N ALA A 417 1.74 -7.40 -12.01
CA ALA A 417 2.64 -7.57 -13.15
C ALA A 417 4.02 -7.04 -12.80
N VAL A 418 5.04 -7.60 -13.43
CA VAL A 418 6.43 -7.16 -13.23
C VAL A 418 6.56 -5.68 -13.56
N SER A 419 7.02 -4.90 -12.59
CA SER A 419 7.21 -3.46 -12.77
C SER A 419 8.38 -3.15 -13.70
N ALA A 420 8.18 -2.18 -14.58
CA ALA A 420 9.23 -1.75 -15.51
C ALA A 420 10.31 -0.91 -14.84
N CYS A 421 10.06 -0.51 -13.59
CA CYS A 421 10.98 0.36 -12.84
C CYS A 421 11.66 -0.32 -11.65
N HIS A 422 11.29 -1.57 -11.35
CA HIS A 422 11.78 -2.25 -10.15
C HIS A 422 13.29 -2.47 -10.15
N VAL A 423 13.88 -2.42 -8.96
CA VAL A 423 15.33 -2.58 -8.80
C VAL A 423 15.74 -4.04 -8.82
N HIS A 424 16.65 -4.38 -9.73
CA HIS A 424 17.15 -5.75 -9.89
C HIS A 424 18.61 -5.76 -10.35
N ASP A 425 19.23 -6.93 -10.31
CA ASP A 425 20.59 -7.11 -10.83
C ASP A 425 20.61 -7.93 -12.12
N GLU A 426 21.80 -8.26 -12.61
CA GLU A 426 21.97 -8.99 -13.87
C GLU A 426 21.62 -10.48 -13.78
N PHE A 427 21.51 -10.99 -12.56
CA PHE A 427 21.27 -12.42 -12.33
C PHE A 427 19.80 -12.76 -12.07
N ARG A 428 19.13 -11.91 -11.28
CA ARG A 428 17.74 -12.16 -10.87
C ARG A 428 16.86 -10.93 -11.05
N THR A 429 15.61 -11.18 -11.44
CA THR A 429 14.59 -10.12 -11.55
C THR A 429 13.32 -10.55 -10.82
N ALA A 430 12.49 -9.57 -10.45
CA ALA A 430 11.16 -9.85 -9.91
C ALA A 430 10.29 -10.49 -10.97
N ALA A 431 9.37 -11.35 -10.55
CA ALA A 431 8.59 -12.15 -11.48
C ALA A 431 7.13 -12.32 -11.07
N VAL A 432 6.26 -12.42 -12.07
CA VAL A 432 4.87 -12.83 -11.89
C VAL A 432 4.61 -13.99 -12.85
N GLU A 433 4.38 -15.18 -12.31
CA GLU A 433 4.33 -16.41 -13.09
C GLU A 433 3.07 -17.22 -12.82
N GLY A 434 2.57 -17.88 -13.87
CA GLY A 434 1.40 -18.75 -13.76
C GLY A 434 1.05 -19.41 -15.09
N PRO A 435 0.00 -20.25 -15.11
CA PRO A 435 -0.78 -20.62 -13.92
C PRO A 435 -0.21 -21.83 -13.19
N PHE A 436 -0.52 -21.94 -11.91
CA PHE A 436 -0.15 -23.10 -11.10
C PHE A 436 -1.40 -23.81 -10.57
N VAL A 437 -1.29 -25.11 -10.35
CA VAL A 437 -2.37 -25.88 -9.74
C VAL A 437 -2.22 -25.90 -8.22
N THR A 438 -3.18 -25.29 -7.53
CA THR A 438 -3.21 -25.25 -6.07
C THR A 438 -4.60 -25.61 -5.58
N LEU A 439 -4.69 -26.71 -4.83
CA LEU A 439 -5.96 -27.21 -4.31
C LEU A 439 -6.25 -26.65 -2.91
N ASP A 440 -7.54 -26.65 -2.54
CA ASP A 440 -8.01 -26.23 -1.22
C ASP A 440 -7.63 -24.79 -0.85
N MET A 441 -7.68 -23.89 -1.85
CA MET A 441 -7.31 -22.49 -1.66
C MET A 441 -8.30 -21.73 -0.78
N GLU A 442 -9.55 -22.18 -0.77
CA GLU A 442 -10.60 -21.56 0.05
C GLU A 442 -10.36 -21.79 1.54
N ASP A 443 -9.69 -22.89 1.86
CA ASP A 443 -9.32 -23.23 3.25
C ASP A 443 -8.23 -22.33 3.82
N CYS A 444 -7.54 -21.60 2.93
CA CYS A 444 -6.46 -20.69 3.33
C CYS A 444 -6.98 -19.42 3.99
N GLY A 445 -8.21 -19.03 3.64
CA GLY A 445 -8.85 -17.85 4.21
C GLY A 445 -9.32 -18.07 5.64
N TYR A 446 -9.05 -17.09 6.50
CA TYR A 446 -9.45 -17.16 7.90
C TYR A 446 -10.86 -16.61 8.12
N ASN A 447 -11.64 -17.30 8.93
CA ASN A 447 -13.02 -16.89 9.23
C ASN A 447 -13.22 -16.57 10.72
I IOD B . -2.05 18.67 14.37
N14 6WE C . -1.60 1.85 5.99
C18 6WE C . 1.33 6.21 6.97
C17 6WE C . 0.20 5.41 7.11
C16 6WE C . -0.68 5.56 8.20
C15 6WE C . -3.17 5.51 8.26
C19 6WE C . 1.60 7.19 7.90
C20 6WE C . 0.74 7.36 8.99
C21 6WE C . -0.39 6.57 9.14
C12 6WE C . -1.54 2.51 7.14
C1 6WE C . -2.96 0.89 11.00
C2 6WE C . -1.70 1.39 11.67
C3 6WE C . -0.73 2.28 11.17
C4 6WE C . 0.25 2.42 12.16
O5 6WE C . -0.09 1.69 13.17
N6 6WE C . -1.29 1.02 12.90
C7 6WE C . 1.48 3.29 12.07
C8 6WE C . -0.70 2.99 9.83
C9 6WE C . -1.92 3.90 9.65
C10 6WE C . -1.90 4.65 8.31
N11 6WE C . -2.00 3.72 7.19
S13 6WE C . -0.65 1.80 8.48
F22 6WE C . -1.17 6.78 10.21
F23 6WE C . 2.69 7.96 7.76
#